data_4QJH
#
_entry.id   4QJH
#
_cell.length_a   228.770
_cell.length_b   228.770
_cell.length_c   101.060
_cell.angle_alpha   90.00
_cell.angle_beta   90.00
_cell.angle_gamma   120.00
#
_symmetry.space_group_name_H-M   'P 61 2 2'
#
loop_
_entity.id
_entity.type
_entity.pdbx_description
1 polymer 'Twister Ribozyme'
2 polymer 'Twister Ribozyme'
3 non-polymer 'MAGNESIUM ION'
4 water water
#
loop_
_entity_poly.entity_id
_entity_poly.type
_entity_poly.pdbx_seq_one_letter_code
_entity_poly.pdbx_strand_id
1 'polyribonucleotide' CGCGGCAUUAAUGCAGCUUUAUUGCC A,C,E
2 'polyribonucleotide' (GTP)GCAAUAAAGCGGUUACAAGCCCGCAAAAAUAGCAGAGUAAUGUCGCG B,D,F
#
loop_
_chem_comp.id
_chem_comp.type
_chem_comp.name
_chem_comp.formula
A RNA linking ADENOSINE-5'-MONOPHOSPHATE 'C10 H14 N5 O7 P'
C RNA linking CYTIDINE-5'-MONOPHOSPHATE 'C9 H14 N3 O8 P'
G RNA linking GUANOSINE-5'-MONOPHOSPHATE 'C10 H14 N5 O8 P'
GTP non-polymer GUANOSINE-5'-TRIPHOSPHATE 'C10 H16 N5 O14 P3'
MG non-polymer 'MAGNESIUM ION' 'Mg 2'
U RNA linking URIDINE-5'-MONOPHOSPHATE 'C9 H13 N2 O9 P'
#
# COMPACT_ATOMS: atom_id res chain seq x y z
PG GTP B 1 3.43 -36.04 -48.45
O1G GTP B 1 2.09 -35.81 -49.11
O2G GTP B 1 4.51 -36.52 -49.38
O3G GTP B 1 3.34 -36.85 -47.16
O3B GTP B 1 3.93 -34.59 -47.96
PB GTP B 1 3.43 -33.21 -48.65
O1B GTP B 1 3.69 -33.30 -50.13
O2B GTP B 1 2.01 -32.93 -48.17
O3A GTP B 1 4.38 -32.06 -48.03
PA GTP B 1 5.96 -32.26 -47.77
O1A GTP B 1 6.13 -32.76 -46.35
O2A GTP B 1 6.54 -33.04 -48.91
O5' GTP B 1 6.56 -30.77 -47.84
C5' GTP B 1 6.09 -29.75 -46.96
C4' GTP B 1 5.33 -28.70 -47.78
O4' GTP B 1 4.95 -29.25 -49.05
C3' GTP B 1 4.04 -28.24 -47.11
O3' GTP B 1 3.97 -26.81 -47.26
C2' GTP B 1 2.93 -28.91 -47.91
O2' GTP B 1 1.73 -28.15 -47.88
C1' GTP B 1 3.58 -28.89 -49.28
N9 GTP B 1 2.96 -29.70 -50.35
C8 GTP B 1 1.94 -30.59 -50.30
N7 GTP B 1 1.68 -31.09 -51.54
C5 GTP B 1 2.53 -30.50 -52.41
C6 GTP B 1 2.82 -30.55 -53.87
O6 GTP B 1 2.17 -31.31 -54.62
N1 GTP B 1 3.81 -29.77 -54.34
C2 GTP B 1 4.55 -28.95 -53.55
N2 GTP B 1 5.53 -28.18 -54.09
N3 GTP B 1 4.34 -28.86 -52.22
C4 GTP B 1 3.37 -29.60 -51.61
PG GTP D 1 17.79 24.09 -19.53
O1G GTP D 1 18.41 23.42 -18.33
O2G GTP D 1 18.36 25.47 -19.83
O3G GTP D 1 16.29 24.01 -19.58
O3B GTP D 1 18.26 23.20 -20.79
PB GTP D 1 17.83 21.65 -20.98
O1B GTP D 1 18.37 20.89 -19.80
O2B GTP D 1 16.35 21.59 -21.29
O3A GTP D 1 18.66 21.18 -22.27
PA GTP D 1 18.27 21.63 -23.77
O1A GTP D 1 16.98 22.41 -23.80
O2A GTP D 1 19.50 22.23 -24.40
O5' GTP D 1 17.96 20.20 -24.42
C5' GTP D 1 17.89 20.09 -25.83
C4' GTP D 1 19.23 19.60 -26.35
O4' GTP D 1 20.31 20.55 -26.23
C3' GTP D 1 19.78 18.42 -25.59
O3' GTP D 1 19.00 17.22 -25.70
C2' GTP D 1 21.19 18.39 -26.17
O2' GTP D 1 21.23 17.85 -27.50
C1' GTP D 1 21.57 19.86 -26.17
N9 GTP D 1 22.34 20.06 -24.91
C8 GTP D 1 21.97 20.75 -23.80
N7 GTP D 1 22.93 20.69 -22.83
C5 GTP D 1 23.92 19.92 -23.31
C6 GTP D 1 25.23 19.45 -22.81
O6 GTP D 1 25.63 19.76 -21.67
N1 GTP D 1 25.97 18.67 -23.65
C2 GTP D 1 25.57 18.33 -24.89
N2 GTP D 1 26.35 17.54 -25.68
N3 GTP D 1 24.38 18.73 -25.40
C4 GTP D 1 23.54 19.52 -24.67
PG GTP F 1 -22.40 14.63 76.94
O1G GTP F 1 -23.91 14.48 76.98
O2G GTP F 1 -21.72 14.12 78.20
O3G GTP F 1 -21.90 15.97 76.49
O3B GTP F 1 -21.91 13.59 75.80
PB GTP F 1 -22.25 13.79 74.23
O1B GTP F 1 -23.41 14.73 74.08
O2B GTP F 1 -20.95 14.06 73.51
O3A GTP F 1 -22.76 12.31 73.77
PA GTP F 1 -24.08 11.67 74.44
O1A GTP F 1 -23.88 11.74 75.93
O2A GTP F 1 -25.29 12.30 73.80
O5' GTP F 1 -24.03 10.12 73.98
C5' GTP F 1 -23.85 9.06 74.91
C4' GTP F 1 -25.14 8.67 75.66
O4' GTP F 1 -25.31 9.45 76.86
C3' GTP F 1 -26.44 8.92 74.91
O3' GTP F 1 -26.70 7.97 73.87
C2' GTP F 1 -27.46 8.93 76.05
O2' GTP F 1 -27.75 7.61 76.51
C1' GTP F 1 -26.71 9.67 77.15
N9 GTP F 1 -27.04 11.14 77.21
C8 GTP F 1 -26.15 12.14 77.35
N7 GTP F 1 -26.74 13.37 77.39
C5 GTP F 1 -28.06 13.17 77.28
C6 GTP F 1 -29.27 14.04 77.25
O6 GTP F 1 -29.17 15.28 77.34
N1 GTP F 1 -30.47 13.46 77.12
C2 GTP F 1 -30.60 12.12 77.03
N2 GTP F 1 -31.84 11.58 76.90
N3 GTP F 1 -29.54 11.26 77.05
C4 GTP F 1 -28.26 11.71 77.17
MG MG G . 1.66 -34.72 -55.49
MG MG H . 16.88 1.64 -15.48
MG MG I . 12.80 -4.60 -12.66
MG MG J . 8.23 -4.86 -7.50
#